data_8B9X
#
_entry.id   8B9X
#
_cell.length_a   145.568
_cell.length_b   145.568
_cell.length_c   83.175
_cell.angle_alpha   90.000
_cell.angle_beta   90.000
_cell.angle_gamma   120.000
#
_symmetry.space_group_name_H-M   'P 64'
#
loop_
_entity.id
_entity.type
_entity.pdbx_description
1 polymer 'DDRGK domain-containing protein 1,E3 UFM1-protein ligase 1'
2 non-polymer 'CHLORIDE ION'
3 water water
#
_entity_poly.entity_id   1
_entity_poly.type   'polypeptide(L)'
_entity_poly.pdbx_seq_one_letter_code
;GMTEEQSQSFLTEFINYIKQSKVVLLEDLASQVGLRTQDTINRIQDLLAEGTITGVIDDRGKFIYITPEELAAVANFIRQ
RGRVSIAELAQASNSLIAWGLSERNCIEIVNKLIAQKQLEVVHTLDGKEYITPAQISKEMRDELHVRGGRVNIVDLQQVI
NVDLIHIENRIGDIIKSEKHVQLVLGQLIDENYLDRLAEEVNDKLQESGQVTISELCKTYDLPGNFLTQALTQRLGRIIS
GHIDLDNRGVIFTEAFVARHKARIRGLFSAITRP
;
_entity_poly.pdbx_strand_id   A,B
#
loop_
_chem_comp.id
_chem_comp.type
_chem_comp.name
_chem_comp.formula
CL non-polymer 'CHLORIDE ION' 'Cl -1'
#
# COMPACT_ATOMS: atom_id res chain seq x y z
N GLY A 1 80.39 -14.36 3.74
CA GLY A 1 79.41 -14.77 4.77
C GLY A 1 78.40 -15.81 4.25
N MET A 2 77.37 -16.07 5.05
CA MET A 2 76.30 -17.10 4.83
C MET A 2 75.58 -16.88 3.50
N THR A 3 75.31 -15.63 3.10
CA THR A 3 74.31 -15.20 2.08
C THR A 3 74.59 -15.76 0.68
N GLU A 4 75.83 -16.16 0.38
CA GLU A 4 76.21 -16.62 -1.00
C GLU A 4 75.53 -17.95 -1.30
N GLU A 5 75.84 -19.01 -0.54
CA GLU A 5 75.18 -20.34 -0.70
C GLU A 5 73.79 -20.32 -0.04
N GLN A 6 73.52 -19.42 0.92
CA GLN A 6 72.20 -19.35 1.62
C GLN A 6 71.10 -18.89 0.67
N SER A 7 71.17 -17.65 0.16
CA SER A 7 70.15 -17.02 -0.72
C SER A 7 69.83 -17.92 -1.94
N GLN A 8 70.82 -18.60 -2.52
CA GLN A 8 70.65 -19.49 -3.71
C GLN A 8 69.86 -20.75 -3.31
N SER A 9 70.20 -21.38 -2.17
CA SER A 9 69.68 -22.71 -1.73
C SER A 9 68.38 -22.54 -0.92
N PHE A 10 68.24 -21.43 -0.21
CA PHE A 10 67.14 -21.21 0.76
C PHE A 10 65.79 -21.44 0.09
N LEU A 11 65.54 -20.75 -1.03
CA LEU A 11 64.22 -20.79 -1.73
C LEU A 11 63.91 -22.18 -2.27
N THR A 12 64.91 -22.90 -2.76
CA THR A 12 64.71 -24.28 -3.27
C THR A 12 64.47 -25.22 -2.09
N GLU A 13 65.15 -25.03 -0.96
CA GLU A 13 64.98 -25.88 0.24
C GLU A 13 63.56 -25.63 0.79
N PHE A 14 63.15 -24.37 0.82
CA PHE A 14 61.80 -23.92 1.24
C PHE A 14 60.73 -24.60 0.38
N ILE A 15 60.87 -24.49 -0.94
CA ILE A 15 59.99 -25.17 -1.94
C ILE A 15 59.92 -26.67 -1.68
N ASN A 16 61.06 -27.31 -1.40
CA ASN A 16 61.11 -28.78 -1.17
C ASN A 16 60.26 -29.07 0.05
N TYR A 17 60.27 -28.19 1.06
CA TYR A 17 59.49 -28.33 2.31
C TYR A 17 57.99 -28.10 2.05
N ILE A 18 57.69 -27.14 1.18
CA ILE A 18 56.32 -26.78 0.71
C ILE A 18 55.69 -27.95 -0.07
N LYS A 19 56.49 -28.69 -0.85
CA LYS A 19 56.01 -29.86 -1.62
C LYS A 19 55.56 -30.96 -0.64
N GLN A 20 56.23 -31.11 0.51
CA GLN A 20 55.96 -32.18 1.51
C GLN A 20 54.72 -31.80 2.32
N SER A 21 54.64 -30.54 2.74
CA SER A 21 53.47 -30.01 3.48
C SER A 21 53.42 -28.50 3.31
N LYS A 22 52.23 -27.98 2.97
CA LYS A 22 51.94 -26.54 2.86
C LYS A 22 52.19 -25.84 4.20
N VAL A 23 52.34 -26.59 5.28
CA VAL A 23 52.66 -26.03 6.63
C VAL A 23 54.10 -26.32 6.93
N VAL A 24 54.87 -25.25 7.11
CA VAL A 24 56.35 -25.32 7.23
C VAL A 24 56.73 -24.93 8.65
N LEU A 25 57.37 -25.86 9.35
CA LEU A 25 57.93 -25.63 10.69
C LEU A 25 59.26 -24.90 10.57
N LEU A 26 59.29 -23.62 10.89
CA LEU A 26 60.42 -22.72 10.56
C LEU A 26 61.65 -23.09 11.39
N GLU A 27 61.43 -23.60 12.61
CA GLU A 27 62.47 -24.16 13.51
C GLU A 27 63.13 -25.37 12.85
N ASP A 28 62.34 -26.23 12.22
CA ASP A 28 62.77 -27.47 11.53
C ASP A 28 63.51 -27.11 10.23
N LEU A 29 63.01 -26.14 9.47
CA LEU A 29 63.61 -25.68 8.20
C LEU A 29 64.93 -24.99 8.47
N ALA A 30 65.05 -24.36 9.64
CA ALA A 30 66.28 -23.68 10.10
C ALA A 30 67.39 -24.71 10.39
N SER A 31 67.04 -25.96 10.74
CA SER A 31 68.01 -27.08 10.87
C SER A 31 68.55 -27.50 9.49
N GLN A 32 67.69 -27.61 8.46
CA GLN A 32 68.02 -28.08 7.08
C GLN A 32 68.87 -27.04 6.30
N VAL A 33 68.89 -25.76 6.69
CA VAL A 33 69.87 -24.77 6.15
C VAL A 33 70.89 -24.39 7.24
N GLY A 34 70.84 -25.01 8.43
CA GLY A 34 71.77 -24.79 9.54
C GLY A 34 71.81 -23.35 10.04
N LEU A 35 70.69 -22.60 9.96
CA LEU A 35 70.60 -21.15 10.33
C LEU A 35 69.87 -20.93 11.66
N ARG A 36 69.95 -19.70 12.17
CA ARG A 36 69.17 -19.22 13.33
C ARG A 36 67.70 -19.14 12.91
N THR A 37 66.80 -19.57 13.79
CA THR A 37 65.35 -19.65 13.51
C THR A 37 64.84 -18.25 13.17
N GLN A 38 65.29 -17.24 13.91
CA GLN A 38 64.85 -15.82 13.73
C GLN A 38 65.33 -15.32 12.35
N ASP A 39 66.55 -15.65 11.92
CA ASP A 39 67.11 -15.26 10.59
C ASP A 39 66.25 -15.91 9.51
N THR A 40 65.91 -17.17 9.69
CA THR A 40 65.01 -17.95 8.80
C THR A 40 63.67 -17.21 8.62
N ILE A 41 63.02 -16.85 9.72
CA ILE A 41 61.72 -16.09 9.70
C ILE A 41 61.89 -14.78 8.91
N ASN A 42 62.88 -13.97 9.28
CA ASN A 42 63.14 -12.63 8.68
C ASN A 42 63.17 -12.73 7.16
N ARG A 43 63.87 -13.72 6.58
CA ARG A 43 63.98 -13.85 5.11
C ARG A 43 62.60 -14.17 4.54
N ILE A 44 61.76 -14.91 5.26
CA ILE A 44 60.37 -15.24 4.79
C ILE A 44 59.50 -13.98 4.92
N GLN A 45 59.63 -13.24 6.03
CA GLN A 45 58.98 -11.91 6.19
C GLN A 45 59.28 -11.07 4.95
N ASP A 46 60.57 -10.96 4.59
CA ASP A 46 61.07 -10.18 3.43
C ASP A 46 60.44 -10.74 2.14
N LEU A 47 60.36 -12.06 1.99
CA LEU A 47 59.85 -12.69 0.74
C LEU A 47 58.35 -12.41 0.59
N LEU A 48 57.63 -12.39 1.70
CA LEU A 48 56.18 -12.05 1.68
C LEU A 48 56.00 -10.57 1.32
N ALA A 49 56.82 -9.69 1.88
CA ALA A 49 56.79 -8.22 1.64
C ALA A 49 57.08 -7.92 0.17
N GLU A 50 58.08 -8.59 -0.40
CA GLU A 50 58.49 -8.40 -1.82
C GLU A 50 57.36 -8.88 -2.75
N GLY A 51 56.41 -9.68 -2.25
CA GLY A 51 55.33 -10.28 -3.06
C GLY A 51 55.80 -11.53 -3.81
N THR A 52 56.79 -12.23 -3.27
CA THR A 52 57.49 -13.40 -3.91
C THR A 52 56.70 -14.70 -3.68
N ILE A 53 55.96 -14.84 -2.56
CA ILE A 53 55.25 -16.09 -2.13
C ILE A 53 54.02 -15.81 -1.27
N THR A 54 52.94 -16.54 -1.51
CA THR A 54 51.63 -16.25 -0.88
C THR A 54 51.43 -17.18 0.32
N GLY A 55 51.32 -16.61 1.51
CA GLY A 55 51.04 -17.35 2.75
C GLY A 55 51.01 -16.47 3.98
N VAL A 56 50.99 -17.09 5.16
CA VAL A 56 50.87 -16.39 6.47
C VAL A 56 51.74 -17.11 7.49
N ILE A 57 52.14 -16.40 8.54
CA ILE A 57 52.92 -16.99 9.65
C ILE A 57 52.13 -16.86 10.95
N ASP A 58 51.84 -17.97 11.62
CA ASP A 58 51.03 -17.98 12.86
C ASP A 58 51.91 -17.50 14.03
N ASP A 59 51.30 -17.37 15.21
CA ASP A 59 51.96 -16.87 16.44
C ASP A 59 52.92 -17.93 16.99
N ARG A 60 52.92 -19.15 16.47
CA ARG A 60 53.74 -20.27 17.00
C ARG A 60 54.85 -20.69 16.02
N GLY A 61 55.22 -19.83 15.06
CA GLY A 61 56.36 -20.05 14.15
C GLY A 61 56.12 -21.16 13.12
N LYS A 62 54.90 -21.30 12.62
CA LYS A 62 54.62 -22.08 11.38
C LYS A 62 54.27 -21.10 10.25
N PHE A 63 54.77 -21.34 9.06
CA PHE A 63 54.30 -20.65 7.83
C PHE A 63 53.33 -21.56 7.10
N ILE A 64 52.29 -20.96 6.52
CA ILE A 64 51.25 -21.70 5.75
C ILE A 64 51.17 -21.16 4.32
N TYR A 65 51.53 -22.00 3.35
CA TYR A 65 51.34 -21.70 1.90
C TYR A 65 49.85 -21.76 1.56
N ILE A 66 49.42 -20.75 0.80
CA ILE A 66 48.03 -20.64 0.30
C ILE A 66 48.07 -20.52 -1.22
N THR A 67 47.42 -21.46 -1.91
CA THR A 67 47.32 -21.49 -3.38
C THR A 67 46.37 -20.43 -3.89
N PRO A 68 46.51 -19.96 -5.16
CA PRO A 68 45.52 -19.07 -5.75
C PRO A 68 44.10 -19.66 -5.79
N GLU A 69 43.95 -20.98 -5.83
CA GLU A 69 42.62 -21.65 -5.78
C GLU A 69 41.96 -21.47 -4.40
N GLU A 70 42.78 -21.50 -3.34
CA GLU A 70 42.34 -21.37 -1.93
C GLU A 70 42.01 -19.91 -1.60
N LEU A 71 42.81 -18.96 -2.08
CA LEU A 71 42.47 -17.51 -2.02
C LEU A 71 41.09 -17.31 -2.64
N ALA A 72 40.89 -17.83 -3.86
CA ALA A 72 39.65 -17.69 -4.64
C ALA A 72 38.49 -18.25 -3.82
N ALA A 73 38.71 -19.36 -3.12
CA ALA A 73 37.73 -19.99 -2.21
C ALA A 73 37.38 -19.05 -1.06
N VAL A 74 38.37 -18.32 -0.51
CA VAL A 74 38.17 -17.33 0.60
C VAL A 74 37.33 -16.17 0.08
N ALA A 75 37.73 -15.56 -1.03
CA ALA A 75 37.01 -14.44 -1.65
C ALA A 75 35.55 -14.84 -1.93
N ASN A 76 35.30 -16.02 -2.51
CA ASN A 76 33.92 -16.45 -2.88
C ASN A 76 33.12 -16.77 -1.63
N PHE A 77 33.76 -17.23 -0.56
CA PHE A 77 33.06 -17.50 0.71
C PHE A 77 32.52 -16.20 1.27
N ILE A 78 33.32 -15.13 1.23
CA ILE A 78 32.90 -13.79 1.72
C ILE A 78 31.79 -13.26 0.79
N ARG A 79 31.91 -13.40 -0.53
CA ARG A 79 30.82 -13.00 -1.47
C ARG A 79 29.51 -13.71 -1.09
N GLN A 80 29.50 -15.04 -0.98
CA GLN A 80 28.27 -15.86 -0.78
C GLN A 80 27.60 -15.52 0.56
N ARG A 81 28.40 -15.26 1.61
CA ARG A 81 27.90 -14.87 2.95
C ARG A 81 27.43 -13.42 2.90
N GLY A 82 28.07 -12.57 2.10
CA GLY A 82 27.74 -11.14 1.95
C GLY A 82 28.20 -10.29 3.12
N ARG A 83 27.83 -10.70 4.32
CA ARG A 83 28.29 -10.15 5.61
C ARG A 83 28.78 -11.31 6.46
N VAL A 84 29.95 -11.17 7.04
CA VAL A 84 30.55 -12.28 7.82
C VAL A 84 31.52 -11.70 8.85
N SER A 85 31.51 -12.31 10.04
CA SER A 85 32.41 -11.95 11.16
C SER A 85 33.76 -12.60 10.93
N ILE A 86 34.79 -11.95 11.42
CA ILE A 86 36.17 -12.50 11.39
C ILE A 86 36.19 -13.83 12.15
N ALA A 87 35.41 -13.97 13.21
CA ALA A 87 35.26 -15.23 13.97
C ALA A 87 34.69 -16.35 13.09
N GLU A 88 33.69 -16.07 12.25
CA GLU A 88 33.09 -17.09 11.35
C GLU A 88 34.15 -17.51 10.33
N LEU A 89 34.93 -16.53 9.85
CA LEU A 89 35.97 -16.68 8.78
C LEU A 89 37.12 -17.56 9.31
N ALA A 90 37.51 -17.40 10.57
CA ALA A 90 38.48 -18.29 11.25
C ALA A 90 37.91 -19.72 11.38
N GLN A 91 36.63 -19.88 11.73
CA GLN A 91 35.99 -21.22 11.82
C GLN A 91 35.99 -21.87 10.43
N ALA A 92 35.55 -21.12 9.45
CA ALA A 92 35.50 -21.56 8.04
C ALA A 92 36.90 -21.91 7.48
N SER A 93 37.96 -21.33 8.03
CA SER A 93 39.31 -21.30 7.42
C SER A 93 39.77 -22.69 7.00
N ASN A 94 39.55 -23.70 7.85
CA ASN A 94 40.04 -25.08 7.58
C ASN A 94 39.38 -25.64 6.31
N SER A 95 38.09 -25.35 6.10
CA SER A 95 37.33 -25.78 4.89
C SER A 95 37.80 -25.05 3.64
N LEU A 96 38.43 -23.89 3.77
CA LEU A 96 38.86 -23.05 2.61
C LEU A 96 40.36 -23.19 2.33
N ILE A 97 41.17 -23.60 3.32
CA ILE A 97 42.66 -23.55 3.23
C ILE A 97 43.32 -24.85 3.74
N ALA A 98 42.52 -25.80 4.25
CA ALA A 98 43.00 -27.08 4.82
C ALA A 98 43.84 -26.82 6.08
N TRP A 99 43.70 -25.63 6.67
CA TRP A 99 44.40 -25.24 7.93
C TRP A 99 43.57 -24.21 8.69
N GLY A 100 43.46 -24.42 9.99
CA GLY A 100 42.70 -23.59 10.94
C GLY A 100 43.47 -22.33 11.28
N LEU A 101 43.00 -21.18 10.81
CA LEU A 101 43.77 -19.90 10.88
C LEU A 101 43.26 -19.03 12.01
N SER A 102 44.20 -18.33 12.64
CA SER A 102 43.95 -17.29 13.67
C SER A 102 43.23 -16.16 12.98
N GLU A 103 42.42 -15.41 13.75
CA GLU A 103 41.71 -14.23 13.22
C GLU A 103 42.72 -13.31 12.52
N ARG A 104 43.87 -13.04 13.14
CA ARG A 104 44.94 -12.18 12.58
C ARG A 104 45.27 -12.69 11.17
N ASN A 105 45.50 -14.01 11.01
CA ASN A 105 45.96 -14.64 9.76
C ASN A 105 44.90 -14.40 8.69
N CYS A 106 43.64 -14.56 9.04
CA CYS A 106 42.48 -14.32 8.13
C CYS A 106 42.51 -12.88 7.62
N ILE A 107 42.79 -11.92 8.49
CA ILE A 107 42.83 -10.48 8.15
C ILE A 107 43.95 -10.28 7.13
N GLU A 108 45.11 -10.91 7.36
CA GLU A 108 46.31 -10.76 6.50
C GLU A 108 45.92 -11.22 5.09
N ILE A 109 45.10 -12.27 5.00
CA ILE A 109 44.66 -12.84 3.69
C ILE A 109 43.68 -11.89 3.04
N VAL A 110 42.71 -11.41 3.81
CA VAL A 110 41.68 -10.52 3.23
C VAL A 110 42.38 -9.27 2.69
N ASN A 111 43.32 -8.70 3.45
CA ASN A 111 44.03 -7.46 3.06
C ASN A 111 44.84 -7.72 1.78
N LYS A 112 45.36 -8.93 1.61
CA LYS A 112 46.07 -9.35 0.37
C LYS A 112 45.07 -9.31 -0.80
N LEU A 113 43.92 -9.95 -0.64
CA LEU A 113 42.87 -10.03 -1.69
C LEU A 113 42.40 -8.63 -2.11
N ILE A 114 42.25 -7.73 -1.15
CA ILE A 114 41.89 -6.29 -1.35
C ILE A 114 42.94 -5.63 -2.23
N ALA A 115 44.20 -5.63 -1.78
CA ALA A 115 45.36 -5.05 -2.49
C ALA A 115 45.49 -5.64 -3.92
N GLN A 116 45.31 -6.94 -4.10
CA GLN A 116 45.43 -7.58 -5.44
C GLN A 116 44.15 -7.37 -6.27
N LYS A 117 43.18 -6.65 -5.72
CA LYS A 117 41.89 -6.31 -6.39
C LYS A 117 41.18 -7.61 -6.84
N GLN A 118 41.20 -8.66 -6.02
CA GLN A 118 40.48 -9.93 -6.28
C GLN A 118 39.20 -9.99 -5.41
N LEU A 119 39.04 -9.03 -4.51
CA LEU A 119 37.88 -8.95 -3.58
C LEU A 119 37.60 -7.49 -3.26
N GLU A 120 36.33 -7.20 -3.02
CA GLU A 120 35.84 -5.85 -2.71
C GLU A 120 35.01 -5.94 -1.42
N VAL A 121 35.57 -5.47 -0.29
CA VAL A 121 34.89 -5.49 1.04
C VAL A 121 35.26 -4.27 1.87
N VAL A 122 34.50 -4.06 2.96
CA VAL A 122 34.73 -2.96 3.93
C VAL A 122 34.54 -3.47 5.37
N HIS A 123 35.27 -2.84 6.28
CA HIS A 123 35.30 -3.12 7.74
C HIS A 123 34.03 -2.47 8.32
N THR A 124 33.26 -3.20 9.11
CA THR A 124 32.26 -2.57 10.00
C THR A 124 33.03 -1.68 10.98
N LEU A 125 32.34 -0.76 11.65
CA LEU A 125 32.94 0.27 12.54
C LEU A 125 33.41 -0.33 13.87
N ASP A 126 32.85 -1.46 14.28
CA ASP A 126 33.33 -2.27 15.44
C ASP A 126 34.58 -3.08 15.05
N GLY A 127 34.93 -3.10 13.75
CA GLY A 127 36.08 -3.83 13.18
C GLY A 127 35.90 -5.33 13.16
N LYS A 128 34.71 -5.85 13.51
CA LYS A 128 34.44 -7.27 13.84
C LYS A 128 33.89 -8.04 12.62
N GLU A 129 33.33 -7.36 11.62
CA GLU A 129 32.74 -8.02 10.42
C GLU A 129 33.32 -7.42 9.15
N TYR A 130 33.32 -8.22 8.09
CA TYR A 130 33.56 -7.79 6.70
C TYR A 130 32.20 -7.79 6.02
N ILE A 131 31.95 -6.77 5.20
CA ILE A 131 30.70 -6.70 4.39
C ILE A 131 31.06 -6.25 2.98
N THR A 132 30.43 -6.90 1.99
CA THR A 132 30.55 -6.61 0.52
C THR A 132 29.65 -5.45 0.17
N PRO A 133 30.01 -4.63 -0.84
CA PRO A 133 29.19 -3.50 -1.25
C PRO A 133 27.88 -3.97 -1.92
N ALA A 134 27.87 -5.21 -2.39
CA ALA A 134 26.64 -5.86 -2.89
C ALA A 134 25.71 -6.12 -1.70
N GLN A 135 26.26 -6.55 -0.58
CA GLN A 135 25.49 -6.84 0.64
C GLN A 135 25.02 -5.54 1.28
N ILE A 136 25.80 -4.47 1.23
CA ILE A 136 25.36 -3.13 1.72
C ILE A 136 24.10 -2.69 0.97
N SER A 137 24.10 -2.73 -0.38
CA SER A 137 22.91 -2.42 -1.22
C SER A 137 21.70 -3.20 -0.71
N LYS A 138 21.86 -4.53 -0.55
CA LYS A 138 20.81 -5.44 -0.04
C LYS A 138 20.30 -4.97 1.33
N GLU A 139 21.19 -4.63 2.26
CA GLU A 139 20.79 -4.27 3.65
C GLU A 139 20.18 -2.87 3.67
N MET A 140 20.58 -1.99 2.74
CA MET A 140 19.91 -0.68 2.53
C MET A 140 18.46 -0.95 2.12
N ARG A 141 18.25 -1.78 1.09
CA ARG A 141 16.89 -2.12 0.59
C ARG A 141 16.06 -2.77 1.71
N ASP A 142 16.59 -3.74 2.43
CA ASP A 142 15.85 -4.43 3.52
C ASP A 142 15.38 -3.41 4.55
N GLU A 143 16.25 -2.49 4.98
CA GLU A 143 15.92 -1.47 6.01
C GLU A 143 15.03 -0.34 5.46
N LEU A 144 15.08 -0.09 4.16
CA LEU A 144 14.11 0.82 3.48
C LEU A 144 12.69 0.23 3.55
N HIS A 145 12.49 -0.99 3.02
CA HIS A 145 11.17 -1.69 2.96
C HIS A 145 10.67 -1.88 4.40
N VAL A 146 11.58 -2.16 5.34
CA VAL A 146 11.30 -2.29 6.81
C VAL A 146 10.79 -0.95 7.34
N ARG A 147 11.54 0.13 7.18
CA ARG A 147 11.20 1.43 7.83
C ARG A 147 10.10 2.20 7.07
N GLY A 148 9.31 1.55 6.21
CA GLY A 148 8.04 2.09 5.68
C GLY A 148 8.12 2.57 4.24
N GLY A 149 9.33 2.69 3.68
CA GLY A 149 9.55 3.18 2.31
C GLY A 149 10.19 4.56 2.25
N ARG A 150 10.34 5.28 3.36
CA ARG A 150 11.10 6.55 3.39
C ARG A 150 12.07 6.51 4.56
N VAL A 151 13.37 6.69 4.28
CA VAL A 151 14.43 6.64 5.31
C VAL A 151 15.58 7.55 4.90
N ASN A 152 16.21 8.22 5.89
CA ASN A 152 17.42 9.04 5.70
C ASN A 152 18.63 8.12 5.47
N ILE A 153 19.58 8.57 4.67
CA ILE A 153 20.82 7.82 4.41
C ILE A 153 21.60 7.72 5.72
N VAL A 154 21.63 8.80 6.52
CA VAL A 154 22.38 8.82 7.81
C VAL A 154 21.84 7.75 8.79
N ASP A 155 20.55 7.46 8.76
CA ASP A 155 19.92 6.39 9.58
C ASP A 155 20.40 5.01 9.10
N LEU A 156 20.61 4.81 7.79
CA LEU A 156 21.10 3.53 7.20
C LEU A 156 22.55 3.29 7.59
N GLN A 157 23.35 4.36 7.71
CA GLN A 157 24.74 4.31 8.21
C GLN A 157 24.77 3.70 9.61
N GLN A 158 24.08 4.32 10.55
CA GLN A 158 23.92 3.84 11.95
C GLN A 158 23.57 2.33 11.92
N VAL A 159 22.54 1.95 11.15
CA VAL A 159 21.92 0.59 11.15
C VAL A 159 22.93 -0.43 10.61
N ILE A 160 23.57 -0.14 9.49
CA ILE A 160 24.39 -1.16 8.77
C ILE A 160 25.79 -1.21 9.41
N ASN A 161 26.13 -0.23 10.24
CA ASN A 161 27.31 -0.26 11.14
C ASN A 161 28.57 -0.18 10.30
N VAL A 162 28.57 0.71 9.31
CA VAL A 162 29.70 0.89 8.36
C VAL A 162 29.85 2.40 8.06
N ASP A 163 31.05 2.89 7.74
CA ASP A 163 31.25 4.35 7.51
C ASP A 163 30.32 4.80 6.37
N LEU A 164 29.96 6.09 6.40
CA LEU A 164 28.91 6.74 5.56
C LEU A 164 29.18 6.61 4.05
N ILE A 165 30.42 6.86 3.65
CA ILE A 165 30.86 6.82 2.23
C ILE A 165 30.49 5.46 1.60
N HIS A 166 30.46 4.38 2.38
CA HIS A 166 30.19 3.02 1.87
C HIS A 166 28.69 2.81 1.69
N ILE A 167 27.85 3.70 2.22
CA ILE A 167 26.38 3.77 1.90
C ILE A 167 26.22 4.73 0.71
N GLU A 168 26.87 5.90 0.78
CA GLU A 168 26.76 6.95 -0.26
C GLU A 168 27.23 6.45 -1.62
N ASN A 169 28.04 5.39 -1.64
CA ASN A 169 28.67 4.86 -2.87
C ASN A 169 27.71 3.88 -3.55
N ARG A 170 26.72 3.39 -2.82
CA ARG A 170 25.79 2.35 -3.37
CA ARG A 170 25.80 2.35 -3.38
C ARG A 170 24.51 2.96 -3.93
N ILE A 171 24.39 4.28 -3.89
CA ILE A 171 23.16 4.96 -4.36
C ILE A 171 23.01 4.86 -5.90
N GLY A 172 24.10 4.86 -6.67
CA GLY A 172 24.04 4.52 -8.10
C GLY A 172 23.36 3.18 -8.32
N ASP A 173 23.74 2.17 -7.54
CA ASP A 173 23.29 0.76 -7.64
C ASP A 173 21.79 0.64 -7.31
N ILE A 174 21.31 1.29 -6.26
CA ILE A 174 19.88 1.14 -5.78
C ILE A 174 18.90 1.81 -6.75
N ILE A 175 19.30 2.82 -7.54
CA ILE A 175 18.39 3.55 -8.47
C ILE A 175 18.42 2.94 -9.88
N LYS A 176 19.56 2.45 -10.35
CA LYS A 176 19.64 1.61 -11.58
C LYS A 176 18.78 0.36 -11.39
N SER A 177 19.00 -0.41 -10.32
CA SER A 177 18.33 -1.71 -10.07
C SER A 177 16.83 -1.49 -9.80
N GLU A 178 16.47 -0.67 -8.82
CA GLU A 178 15.08 -0.49 -8.33
C GLU A 178 14.46 0.75 -9.01
N LYS A 179 13.69 0.55 -10.09
CA LYS A 179 13.03 1.65 -10.87
C LYS A 179 11.89 2.29 -10.06
N HIS A 180 11.45 1.62 -8.99
CA HIS A 180 10.38 2.08 -8.06
C HIS A 180 10.97 2.99 -6.96
N VAL A 181 12.30 3.18 -6.87
CA VAL A 181 12.98 3.85 -5.72
C VAL A 181 13.71 5.11 -6.21
N GLN A 182 13.64 6.20 -5.43
CA GLN A 182 14.17 7.53 -5.82
C GLN A 182 14.88 8.22 -4.67
N LEU A 183 15.88 9.03 -5.00
CA LEU A 183 16.69 9.83 -4.04
C LEU A 183 16.11 11.23 -3.95
N VAL A 184 15.77 11.68 -2.74
CA VAL A 184 15.21 13.03 -2.48
C VAL A 184 15.78 13.58 -1.19
N LEU A 185 16.45 14.73 -1.26
CA LEU A 185 16.95 15.48 -0.07
C LEU A 185 17.45 14.52 1.02
N GLY A 186 18.45 13.71 0.69
CA GLY A 186 19.20 12.90 1.67
C GLY A 186 18.41 11.70 2.16
N GLN A 187 17.36 11.32 1.44
CA GLN A 187 16.49 10.17 1.78
C GLN A 187 16.26 9.34 0.53
N LEU A 188 15.96 8.07 0.75
CA LEU A 188 15.48 7.12 -0.29
C LEU A 188 13.99 6.89 -0.07
N ILE A 189 13.22 6.99 -1.14
CA ILE A 189 11.73 6.98 -1.07
C ILE A 189 11.17 5.98 -2.08
N ASP A 190 10.22 5.19 -1.60
CA ASP A 190 9.71 3.92 -2.19
C ASP A 190 8.34 4.22 -2.79
N GLU A 191 8.04 3.56 -3.92
CA GLU A 191 6.72 3.55 -4.61
C GLU A 191 5.60 3.27 -3.61
N ASN A 192 5.88 2.40 -2.64
CA ASN A 192 4.90 1.94 -1.61
C ASN A 192 4.55 3.06 -0.63
N TYR A 193 5.53 3.90 -0.31
CA TYR A 193 5.30 5.09 0.54
C TYR A 193 4.46 6.14 -0.19
N LEU A 194 4.76 6.40 -1.46
CA LEU A 194 4.06 7.44 -2.26
C LEU A 194 2.59 7.06 -2.44
N ASP A 195 2.31 5.79 -2.71
CA ASP A 195 0.94 5.22 -2.73
C ASP A 195 0.26 5.42 -1.37
N ARG A 196 0.94 5.10 -0.26
CA ARG A 196 0.39 5.30 1.12
CA ARG A 196 0.41 5.30 1.13
C ARG A 196 0.16 6.80 1.38
N LEU A 197 1.04 7.67 0.88
CA LEU A 197 0.92 9.14 1.09
C LEU A 197 -0.28 9.63 0.27
N ALA A 198 -0.45 9.10 -0.94
CA ALA A 198 -1.56 9.48 -1.85
C ALA A 198 -2.90 9.12 -1.18
N GLU A 199 -2.99 7.94 -0.58
CA GLU A 199 -4.19 7.48 0.18
C GLU A 199 -4.52 8.52 1.26
N GLU A 200 -3.57 8.94 2.09
CA GLU A 200 -3.84 9.86 3.23
C GLU A 200 -4.02 11.30 2.73
N VAL A 201 -3.60 11.63 1.49
CA VAL A 201 -3.93 12.94 0.85
C VAL A 201 -5.40 12.88 0.41
N ASN A 202 -5.79 11.84 -0.30
CA ASN A 202 -7.19 11.64 -0.75
C ASN A 202 -8.17 11.62 0.45
N ASP A 203 -7.80 11.07 1.61
CA ASP A 203 -8.60 11.08 2.88
C ASP A 203 -8.75 12.53 3.40
N LYS A 204 -7.73 13.36 3.25
CA LYS A 204 -7.72 14.78 3.71
C LYS A 204 -8.35 15.69 2.64
N LEU A 205 -8.41 15.20 1.42
CA LEU A 205 -9.10 15.87 0.28
C LEU A 205 -10.62 15.76 0.46
N GLN A 206 -11.12 14.54 0.74
CA GLN A 206 -12.56 14.23 1.00
C GLN A 206 -12.99 14.77 2.36
N GLU A 207 -12.18 15.59 3.02
CA GLU A 207 -12.52 16.26 4.31
C GLU A 207 -12.43 17.78 4.12
N SER A 208 -11.30 18.28 3.62
CA SER A 208 -11.07 19.71 3.32
C SER A 208 -11.79 20.11 2.03
N GLY A 209 -12.12 19.16 1.14
CA GLY A 209 -12.69 19.43 -0.20
C GLY A 209 -11.65 19.94 -1.20
N GLN A 210 -10.73 20.80 -0.76
CA GLN A 210 -9.65 21.41 -1.59
C GLN A 210 -8.35 21.44 -0.77
N VAL A 211 -7.20 21.41 -1.46
CA VAL A 211 -5.87 21.45 -0.79
C VAL A 211 -4.80 21.91 -1.80
N THR A 212 -3.82 22.70 -1.34
CA THR A 212 -2.77 23.32 -2.19
C THR A 212 -1.46 22.56 -2.00
N ILE A 213 -0.60 22.59 -3.02
CA ILE A 213 0.69 21.83 -3.07
C ILE A 213 1.62 22.40 -1.99
N SER A 214 1.67 23.72 -1.84
CA SER A 214 2.51 24.42 -0.83
C SER A 214 2.13 23.95 0.59
N GLU A 215 0.87 23.59 0.80
CA GLU A 215 0.37 23.07 2.09
C GLU A 215 0.79 21.61 2.30
N LEU A 216 0.80 20.81 1.24
CA LEU A 216 1.27 19.40 1.30
C LEU A 216 2.79 19.36 1.48
N CYS A 217 3.55 20.28 0.88
CA CYS A 217 5.03 20.39 1.01
C CYS A 217 5.42 20.71 2.45
N LYS A 218 4.71 21.63 3.11
CA LYS A 218 4.89 21.93 4.54
C LYS A 218 4.46 20.72 5.39
N THR A 219 3.44 19.97 4.97
CA THR A 219 2.86 18.84 5.75
C THR A 219 3.80 17.63 5.77
N TYR A 220 4.47 17.31 4.66
CA TYR A 220 5.24 16.06 4.50
C TYR A 220 6.73 16.33 4.30
N ASP A 221 7.13 17.60 4.28
CA ASP A 221 8.53 18.06 4.13
C ASP A 221 9.12 17.33 2.92
N LEU A 222 8.65 17.71 1.72
CA LEU A 222 9.12 17.21 0.41
C LEU A 222 9.15 18.39 -0.57
N PRO A 223 10.02 18.38 -1.59
CA PRO A 223 10.09 19.47 -2.56
C PRO A 223 8.93 19.46 -3.56
N GLY A 224 8.57 20.65 -4.03
CA GLY A 224 7.36 20.92 -4.82
C GLY A 224 7.31 20.06 -6.05
N ASN A 225 8.33 20.19 -6.91
CA ASN A 225 8.39 19.56 -8.26
C ASN A 225 8.26 18.06 -8.15
N PHE A 226 8.98 17.46 -7.19
CA PHE A 226 8.93 16.01 -6.91
C PHE A 226 7.52 15.61 -6.43
N LEU A 227 6.99 16.28 -5.39
CA LEU A 227 5.70 15.93 -4.76
C LEU A 227 4.54 16.08 -5.77
N THR A 228 4.55 17.11 -6.60
CA THR A 228 3.59 17.34 -7.71
C THR A 228 3.58 16.17 -8.70
N GLN A 229 4.75 15.74 -9.17
CA GLN A 229 4.88 14.66 -10.18
C GLN A 229 4.48 13.30 -9.57
N ALA A 230 4.62 13.15 -8.24
CA ALA A 230 4.35 11.90 -7.50
C ALA A 230 2.83 11.78 -7.30
N LEU A 231 2.17 12.89 -7.03
CA LEU A 231 0.71 12.97 -6.76
C LEU A 231 -0.08 13.04 -8.06
N THR A 232 0.34 13.86 -9.02
CA THR A 232 -0.30 13.99 -10.36
C THR A 232 -0.23 12.62 -11.10
N GLN A 233 0.80 11.83 -10.83
CA GLN A 233 0.97 10.46 -11.39
C GLN A 233 -0.08 9.50 -10.79
N ARG A 234 -0.63 9.81 -9.60
CA ARG A 234 -1.55 8.95 -8.81
C ARG A 234 -2.99 9.50 -8.82
N LEU A 235 -3.20 10.56 -9.61
CA LEU A 235 -4.51 11.25 -9.74
C LEU A 235 -5.45 10.37 -10.56
N GLY A 236 -6.61 10.03 -10.01
CA GLY A 236 -7.61 9.18 -10.69
C GLY A 236 -7.47 7.72 -10.32
N ARG A 237 -6.25 7.23 -10.17
CA ARG A 237 -6.02 5.84 -9.71
C ARG A 237 -6.13 5.74 -8.19
N ILE A 238 -5.79 6.79 -7.45
CA ILE A 238 -5.77 6.76 -5.95
C ILE A 238 -6.38 8.04 -5.41
N ILE A 239 -6.13 9.18 -6.04
CA ILE A 239 -6.71 10.48 -5.58
C ILE A 239 -7.89 10.82 -6.49
N SER A 240 -9.07 11.07 -5.88
CA SER A 240 -10.36 11.39 -6.55
C SER A 240 -10.48 12.91 -6.67
N GLY A 241 -9.57 13.50 -7.44
CA GLY A 241 -9.39 14.96 -7.51
C GLY A 241 -9.38 15.49 -8.94
N HIS A 242 -9.30 16.82 -9.01
CA HIS A 242 -9.17 17.67 -10.21
C HIS A 242 -8.06 18.69 -9.91
N ILE A 243 -7.06 18.77 -10.80
CA ILE A 243 -5.94 19.75 -10.71
C ILE A 243 -6.37 21.04 -11.40
N ASP A 244 -5.94 22.14 -10.83
CA ASP A 244 -6.04 23.47 -11.46
C ASP A 244 -4.86 24.33 -10.96
N LEU A 245 -4.65 25.45 -11.61
CA LEU A 245 -3.41 26.27 -11.47
C LEU A 245 -3.87 27.65 -11.02
N ASP A 246 -3.35 28.08 -9.88
CA ASP A 246 -3.70 29.34 -9.18
C ASP A 246 -2.42 30.19 -9.13
N ASN A 247 -2.13 30.84 -8.00
CA ASN A 247 -0.75 31.27 -7.66
C ASN A 247 0.14 30.03 -7.59
N ARG A 248 -0.41 28.89 -7.16
CA ARG A 248 0.31 27.59 -7.03
C ARG A 248 -0.56 26.43 -7.59
N GLY A 249 0.04 25.28 -7.93
CA GLY A 249 -0.66 24.05 -8.35
C GLY A 249 -1.58 23.57 -7.25
N VAL A 250 -2.90 23.44 -7.48
CA VAL A 250 -3.97 23.21 -6.45
C VAL A 250 -4.82 21.98 -6.83
N ILE A 251 -5.38 21.26 -5.84
CA ILE A 251 -6.12 19.99 -6.07
C ILE A 251 -7.47 20.07 -5.32
N PHE A 252 -8.58 19.74 -5.99
CA PHE A 252 -9.91 19.63 -5.33
C PHE A 252 -10.72 18.44 -5.84
N THR A 253 -11.67 17.97 -5.01
CA THR A 253 -12.56 16.81 -5.26
C THR A 253 -13.35 17.07 -6.55
N GLU A 254 -13.46 16.10 -7.44
CA GLU A 254 -14.36 16.22 -8.62
C GLU A 254 -15.76 15.76 -8.21
N ALA A 255 -15.90 14.52 -7.70
CA ALA A 255 -17.17 13.92 -7.22
C ALA A 255 -17.56 14.54 -5.87
N PHE A 256 -18.16 15.75 -5.86
CA PHE A 256 -18.36 16.61 -4.65
C PHE A 256 -19.83 17.06 -4.53
N GLY B 1 -26.51 -31.74 -39.21
CA GLY B 1 -27.10 -31.73 -37.83
C GLY B 1 -26.67 -30.51 -37.02
N MET B 2 -27.51 -29.47 -37.00
CA MET B 2 -27.31 -28.18 -36.28
C MET B 2 -27.14 -28.45 -34.78
N THR B 3 -27.94 -29.34 -34.16
CA THR B 3 -27.84 -29.69 -32.71
C THR B 3 -26.69 -30.68 -32.47
N GLU B 4 -25.79 -30.87 -33.45
CA GLU B 4 -24.52 -31.62 -33.25
C GLU B 4 -23.32 -30.87 -33.87
N GLU B 5 -23.25 -30.78 -35.19
CA GLU B 5 -22.06 -30.21 -35.91
C GLU B 5 -21.98 -28.68 -35.75
N GLN B 6 -23.10 -27.96 -35.58
CA GLN B 6 -23.10 -26.49 -35.31
C GLN B 6 -22.99 -26.29 -33.80
N SER B 7 -23.77 -27.02 -33.01
CA SER B 7 -23.77 -26.95 -31.52
C SER B 7 -22.36 -27.12 -30.92
N GLN B 8 -21.54 -28.04 -31.45
CA GLN B 8 -20.18 -28.31 -30.89
C GLN B 8 -19.25 -27.13 -31.23
N SER B 9 -19.37 -26.58 -32.46
CA SER B 9 -18.45 -25.55 -33.03
C SER B 9 -18.89 -24.13 -32.67
N PHE B 10 -20.18 -23.91 -32.42
CA PHE B 10 -20.74 -22.55 -32.23
C PHE B 10 -19.98 -21.79 -31.15
N LEU B 11 -19.83 -22.34 -29.95
CA LEU B 11 -19.17 -21.65 -28.80
C LEU B 11 -17.70 -21.37 -29.08
N THR B 12 -17.01 -22.27 -29.78
CA THR B 12 -15.59 -22.05 -30.16
C THR B 12 -15.50 -20.97 -31.23
N GLU B 13 -16.43 -20.95 -32.19
CA GLU B 13 -16.49 -19.92 -33.28
C GLU B 13 -16.73 -18.56 -32.62
N PHE B 14 -17.69 -18.51 -31.68
CA PHE B 14 -18.08 -17.31 -30.91
C PHE B 14 -16.87 -16.76 -30.16
N ILE B 15 -16.21 -17.62 -29.38
CA ILE B 15 -14.96 -17.27 -28.64
C ILE B 15 -13.87 -16.76 -29.58
N ASN B 16 -13.69 -17.37 -30.75
CA ASN B 16 -12.66 -16.93 -31.72
C ASN B 16 -13.01 -15.50 -32.14
N TYR B 17 -14.30 -15.18 -32.26
CA TYR B 17 -14.80 -13.83 -32.65
C TYR B 17 -14.61 -12.84 -31.49
N ILE B 18 -14.81 -13.31 -30.26
CA ILE B 18 -14.62 -12.55 -28.99
C ILE B 18 -13.14 -12.20 -28.77
N LYS B 19 -12.22 -13.08 -29.17
CA LYS B 19 -10.76 -12.83 -29.10
C LYS B 19 -10.37 -11.66 -30.02
N GLN B 20 -11.01 -11.53 -31.17
CA GLN B 20 -10.72 -10.48 -32.19
C GLN B 20 -11.32 -9.15 -31.73
N SER B 21 -12.54 -9.19 -31.24
CA SER B 21 -13.28 -7.99 -30.81
C SER B 21 -14.35 -8.40 -29.82
N LYS B 22 -14.39 -7.77 -28.66
CA LYS B 22 -15.43 -7.99 -27.62
C LYS B 22 -16.81 -7.65 -28.21
N VAL B 23 -16.86 -6.96 -29.34
CA VAL B 23 -18.13 -6.60 -30.02
C VAL B 23 -18.27 -7.50 -31.23
N VAL B 24 -19.34 -8.28 -31.23
CA VAL B 24 -19.58 -9.38 -32.20
C VAL B 24 -20.74 -9.01 -33.10
N LEU B 25 -20.48 -8.94 -34.39
CA LEU B 25 -21.51 -8.71 -35.44
C LEU B 25 -22.20 -10.02 -35.72
N LEU B 26 -23.44 -10.15 -35.25
CA LEU B 26 -24.12 -11.46 -35.20
C LEU B 26 -24.53 -11.90 -36.60
N GLU B 27 -24.73 -10.98 -37.54
CA GLU B 27 -24.92 -11.32 -38.97
C GLU B 27 -23.65 -11.94 -39.54
N ASP B 28 -22.46 -11.45 -39.18
CA ASP B 28 -21.16 -12.02 -39.64
C ASP B 28 -20.95 -13.41 -39.02
N LEU B 29 -21.22 -13.55 -37.72
CA LEU B 29 -21.01 -14.83 -36.99
C LEU B 29 -21.95 -15.88 -37.57
N ALA B 30 -23.16 -15.45 -37.96
CA ALA B 30 -24.20 -16.30 -38.55
C ALA B 30 -23.80 -16.77 -39.95
N SER B 31 -23.06 -15.95 -40.70
CA SER B 31 -22.50 -16.33 -42.04
C SER B 31 -21.39 -17.38 -41.86
N GLN B 32 -20.53 -17.24 -40.85
CA GLN B 32 -19.35 -18.11 -40.57
C GLN B 32 -19.76 -19.47 -39.96
N VAL B 33 -20.97 -19.63 -39.43
CA VAL B 33 -21.53 -20.99 -39.10
C VAL B 33 -22.67 -21.34 -40.07
N GLY B 34 -22.95 -20.50 -41.08
CA GLY B 34 -23.99 -20.70 -42.11
C GLY B 34 -25.39 -20.86 -41.54
N LEU B 35 -25.71 -20.21 -40.41
CA LEU B 35 -27.04 -20.28 -39.71
C LEU B 35 -27.87 -19.02 -39.95
N ARG B 36 -29.11 -19.03 -39.48
CA ARG B 36 -30.02 -17.86 -39.49
C ARG B 36 -29.49 -16.89 -38.43
N THR B 37 -29.49 -15.60 -38.74
CA THR B 37 -29.12 -14.48 -37.83
C THR B 37 -29.92 -14.63 -36.54
N GLN B 38 -31.24 -14.87 -36.69
CA GLN B 38 -32.21 -14.97 -35.58
C GLN B 38 -31.88 -16.18 -34.70
N ASP B 39 -31.52 -17.33 -35.31
CA ASP B 39 -31.14 -18.57 -34.57
C ASP B 39 -29.91 -18.29 -33.74
N THR B 40 -28.94 -17.61 -34.36
CA THR B 40 -27.68 -17.17 -33.72
C THR B 40 -28.00 -16.34 -32.47
N ILE B 41 -28.82 -15.30 -32.60
CA ILE B 41 -29.24 -14.44 -31.45
C ILE B 41 -29.86 -15.30 -30.35
N ASN B 42 -30.87 -16.10 -30.69
CA ASN B 42 -31.64 -16.92 -29.72
C ASN B 42 -30.69 -17.80 -28.92
N ARG B 43 -29.69 -18.42 -29.56
CA ARG B 43 -28.73 -19.30 -28.86
C ARG B 43 -27.90 -18.46 -27.88
N ILE B 44 -27.58 -17.21 -28.24
CA ILE B 44 -26.80 -16.33 -27.32
C ILE B 44 -27.72 -15.87 -26.18
N GLN B 45 -28.97 -15.50 -26.49
CA GLN B 45 -30.02 -15.24 -25.47
C GLN B 45 -30.01 -16.38 -24.46
N ASP B 46 -30.10 -17.63 -24.94
CA ASP B 46 -30.13 -18.86 -24.10
C ASP B 46 -28.85 -18.93 -23.27
N LEU B 47 -27.70 -18.66 -23.88
CA LEU B 47 -26.39 -18.78 -23.19
C LEU B 47 -26.29 -17.73 -22.08
N LEU B 48 -26.81 -16.54 -22.31
CA LEU B 48 -26.84 -15.46 -21.31
C LEU B 48 -27.75 -15.85 -20.15
N ALA B 49 -28.93 -16.40 -20.46
CA ALA B 49 -29.97 -16.80 -19.48
C ALA B 49 -29.42 -17.92 -18.57
N GLU B 50 -28.74 -18.89 -19.18
CA GLU B 50 -28.16 -20.05 -18.45
C GLU B 50 -27.04 -19.56 -17.52
N GLY B 51 -26.51 -18.36 -17.72
CA GLY B 51 -25.36 -17.81 -16.96
C GLY B 51 -24.03 -18.36 -17.46
N THR B 52 -23.97 -18.70 -18.75
CA THR B 52 -22.81 -19.34 -19.44
C THR B 52 -21.79 -18.27 -19.84
N ILE B 53 -22.23 -17.03 -20.16
CA ILE B 53 -21.38 -15.91 -20.70
C ILE B 53 -21.93 -14.53 -20.33
N THR B 54 -21.04 -13.60 -19.99
CA THR B 54 -21.43 -12.25 -19.53
C THR B 54 -21.35 -11.26 -20.70
N GLY B 55 -22.46 -10.64 -21.04
CA GLY B 55 -22.51 -9.55 -22.02
C GLY B 55 -23.91 -9.00 -22.23
N VAL B 56 -24.12 -8.26 -23.31
CA VAL B 56 -25.43 -7.64 -23.66
C VAL B 56 -25.58 -7.66 -25.18
N ILE B 57 -26.81 -7.57 -25.65
CA ILE B 57 -27.13 -7.47 -27.10
C ILE B 57 -27.86 -6.15 -27.34
N ASP B 58 -27.35 -5.29 -28.21
CA ASP B 58 -27.99 -3.99 -28.51
C ASP B 58 -29.12 -4.21 -29.53
N ASP B 59 -29.87 -3.15 -29.84
CA ASP B 59 -31.01 -3.22 -30.79
C ASP B 59 -30.46 -3.35 -32.22
N ARG B 60 -29.20 -2.96 -32.46
CA ARG B 60 -28.58 -2.98 -33.82
C ARG B 60 -27.96 -4.36 -34.15
N GLY B 61 -28.16 -5.39 -33.33
CA GLY B 61 -27.72 -6.77 -33.59
C GLY B 61 -26.22 -6.97 -33.37
N LYS B 62 -25.62 -6.23 -32.44
CA LYS B 62 -24.26 -6.54 -31.92
C LYS B 62 -24.42 -7.19 -30.53
N PHE B 63 -23.60 -8.19 -30.24
CA PHE B 63 -23.34 -8.65 -28.86
C PHE B 63 -22.06 -8.00 -28.34
N ILE B 64 -22.04 -7.64 -27.06
CA ILE B 64 -20.85 -7.01 -26.41
C ILE B 64 -20.45 -7.83 -25.18
N TYR B 65 -19.28 -8.43 -25.22
CA TYR B 65 -18.67 -9.16 -24.09
C TYR B 65 -18.22 -8.16 -23.02
N ILE B 66 -18.50 -8.49 -21.76
CA ILE B 66 -18.11 -7.68 -20.59
C ILE B 66 -17.33 -8.57 -19.61
N THR B 67 -16.09 -8.19 -19.30
CA THR B 67 -15.23 -8.91 -18.35
C THR B 67 -15.66 -8.70 -16.90
N PRO B 68 -15.32 -9.61 -15.96
CA PRO B 68 -15.57 -9.39 -14.54
C PRO B 68 -14.90 -8.12 -13.99
N GLU B 69 -13.78 -7.71 -14.58
CA GLU B 69 -13.09 -6.45 -14.19
C GLU B 69 -13.89 -5.21 -14.61
N GLU B 70 -14.56 -5.27 -15.76
CA GLU B 70 -15.40 -4.17 -16.30
C GLU B 70 -16.72 -4.06 -15.55
N LEU B 71 -17.35 -5.18 -15.20
CA LEU B 71 -18.51 -5.20 -14.26
C LEU B 71 -18.10 -4.49 -12.97
N ALA B 72 -16.96 -4.89 -12.39
CA ALA B 72 -16.46 -4.37 -11.10
C ALA B 72 -16.26 -2.86 -11.23
N ALA B 73 -15.77 -2.40 -12.38
CA ALA B 73 -15.61 -0.96 -12.71
C ALA B 73 -16.97 -0.26 -12.71
N VAL B 74 -18.02 -0.90 -13.23
CA VAL B 74 -19.41 -0.36 -13.27
C VAL B 74 -19.96 -0.27 -11.84
N ALA B 75 -19.88 -1.34 -11.06
CA ALA B 75 -20.33 -1.36 -9.65
C ALA B 75 -19.60 -0.29 -8.84
N ASN B 76 -18.29 -0.13 -8.99
CA ASN B 76 -17.50 0.86 -8.19
C ASN B 76 -17.82 2.28 -8.66
N PHE B 77 -18.14 2.47 -9.94
CA PHE B 77 -18.57 3.80 -10.46
C PHE B 77 -19.86 4.21 -9.76
N ILE B 78 -20.81 3.29 -9.63
CA ILE B 78 -22.10 3.57 -8.95
C ILE B 78 -21.84 3.81 -7.45
N ARG B 79 -20.97 3.05 -6.80
CA ARG B 79 -20.60 3.31 -5.38
C ARG B 79 -20.06 4.74 -5.24
N GLN B 80 -19.05 5.13 -6.03
CA GLN B 80 -18.33 6.44 -5.90
C GLN B 80 -19.30 7.61 -6.15
N ARG B 81 -20.23 7.47 -7.10
CA ARG B 81 -21.26 8.48 -7.43
C ARG B 81 -22.32 8.47 -6.33
N GLY B 82 -22.64 7.33 -5.72
CA GLY B 82 -23.65 7.17 -4.64
C GLY B 82 -25.08 7.23 -5.19
N ARG B 83 -25.39 8.26 -5.93
CA ARG B 83 -26.66 8.43 -6.68
C ARG B 83 -26.29 8.74 -8.13
N VAL B 84 -26.93 8.09 -9.08
CA VAL B 84 -26.58 8.31 -10.51
C VAL B 84 -27.78 7.98 -11.38
N SER B 85 -27.98 8.79 -12.42
CA SER B 85 -29.06 8.61 -13.43
C SER B 85 -28.60 7.56 -14.43
N ILE B 86 -29.55 6.85 -14.97
CA ILE B 86 -29.32 5.89 -16.06
C ILE B 86 -28.66 6.63 -17.22
N ALA B 87 -29.07 7.86 -17.49
CA ALA B 87 -28.48 8.72 -18.53
C ALA B 87 -26.96 8.95 -18.28
N GLU B 88 -26.54 9.20 -17.04
CA GLU B 88 -25.11 9.44 -16.70
C GLU B 88 -24.34 8.13 -16.94
N LEU B 89 -24.97 7.01 -16.58
CA LEU B 89 -24.38 5.65 -16.61
C LEU B 89 -24.18 5.21 -18.07
N ALA B 90 -25.09 5.56 -18.97
CA ALA B 90 -24.92 5.38 -20.43
C ALA B 90 -23.77 6.24 -20.96
N GLN B 91 -23.64 7.50 -20.53
CA GLN B 91 -22.52 8.38 -20.96
C GLN B 91 -21.22 7.76 -20.47
N ALA B 92 -21.17 7.37 -19.20
CA ALA B 92 -20.00 6.74 -18.55
C ALA B 92 -19.58 5.44 -19.24
N SER B 93 -20.52 4.74 -19.88
CA SER B 93 -20.39 3.33 -20.32
C SER B 93 -19.08 3.10 -21.08
N ASN B 94 -18.74 3.98 -22.03
CA ASN B 94 -17.56 3.78 -22.90
C ASN B 94 -16.27 3.79 -22.06
N SER B 95 -16.20 4.62 -21.02
CA SER B 95 -15.03 4.71 -20.11
C SER B 95 -14.94 3.47 -19.21
N LEU B 96 -16.04 2.74 -19.00
CA LEU B 96 -16.09 1.58 -18.08
C LEU B 96 -16.05 0.25 -18.83
N ILE B 97 -16.37 0.24 -20.12
CA ILE B 97 -16.62 -1.00 -20.91
C ILE B 97 -15.99 -0.95 -22.30
N ALA B 98 -15.40 0.17 -22.70
CA ALA B 98 -14.78 0.39 -24.04
C ALA B 98 -15.85 0.35 -25.13
N TRP B 99 -17.13 0.48 -24.77
CA TRP B 99 -18.26 0.49 -25.74
C TRP B 99 -19.41 1.33 -25.16
N GLY B 100 -19.98 2.17 -26.01
CA GLY B 100 -21.04 3.13 -25.67
C GLY B 100 -22.38 2.45 -25.64
N LEU B 101 -22.97 2.26 -24.45
CA LEU B 101 -24.15 1.38 -24.26
C LEU B 101 -25.44 2.18 -24.17
N SER B 102 -26.49 1.59 -24.72
CA SER B 102 -27.90 2.06 -24.63
C SER B 102 -28.31 1.98 -23.16
N GLU B 103 -29.25 2.83 -22.79
CA GLU B 103 -29.81 2.86 -21.42
C GLU B 103 -30.30 1.46 -21.06
N ARG B 104 -31.06 0.81 -21.95
CA ARG B 104 -31.55 -0.59 -21.78
C ARG B 104 -30.37 -1.47 -21.33
N ASN B 105 -29.25 -1.41 -22.07
CA ASN B 105 -28.09 -2.33 -21.88
C ASN B 105 -27.52 -2.10 -20.48
N CYS B 106 -27.41 -0.82 -20.08
CA CYS B 106 -26.92 -0.43 -18.73
C CYS B 106 -27.80 -1.06 -17.65
N ILE B 107 -29.12 -1.05 -17.86
CA ILE B 107 -30.09 -1.63 -16.88
C ILE B 107 -29.81 -3.13 -16.78
N GLU B 108 -29.59 -3.78 -17.93
CA GLU B 108 -29.39 -5.25 -18.00
C GLU B 108 -28.16 -5.60 -17.17
N ILE B 109 -27.13 -4.75 -17.20
CA ILE B 109 -25.85 -4.95 -16.45
C ILE B 109 -26.11 -4.74 -14.96
N VAL B 110 -26.81 -3.68 -14.63
CA VAL B 110 -27.07 -3.39 -13.20
C VAL B 110 -27.86 -4.57 -12.62
N ASN B 111 -28.89 -5.06 -13.33
CA ASN B 111 -29.76 -6.17 -12.88
C ASN B 111 -28.93 -7.44 -12.69
N LYS B 112 -27.92 -7.66 -13.54
CA LYS B 112 -26.97 -8.79 -13.40
C LYS B 112 -26.20 -8.63 -12.07
N LEU B 113 -25.60 -7.46 -11.86
CA LEU B 113 -24.77 -7.15 -10.66
C LEU B 113 -25.59 -7.36 -9.38
N ILE B 114 -26.86 -6.95 -9.39
CA ILE B 114 -27.83 -7.13 -8.27
C ILE B 114 -28.00 -8.63 -8.00
N ALA B 115 -28.43 -9.38 -9.02
CA ALA B 115 -28.63 -10.84 -8.96
C ALA B 115 -27.36 -11.56 -8.47
N GLN B 116 -26.18 -11.21 -8.96
CA GLN B 116 -24.90 -11.86 -8.54
C GLN B 116 -24.43 -11.33 -7.19
N LYS B 117 -25.18 -10.42 -6.58
CA LYS B 117 -24.90 -9.82 -5.25
C LYS B 117 -23.52 -9.16 -5.23
N GLN B 118 -23.13 -8.48 -6.31
CA GLN B 118 -21.85 -7.73 -6.40
C GLN B 118 -22.11 -6.22 -6.24
N LEU B 119 -23.39 -5.83 -6.22
CA LEU B 119 -23.82 -4.41 -6.08
C LEU B 119 -25.14 -4.37 -5.33
N GLU B 120 -25.33 -3.30 -4.56
CA GLU B 120 -26.55 -3.09 -3.76
C GLU B 120 -27.10 -1.69 -4.09
N VAL B 121 -28.21 -1.62 -4.85
CA VAL B 121 -28.86 -0.35 -5.26
C VAL B 121 -30.38 -0.49 -5.29
N VAL B 122 -31.07 0.65 -5.37
CA VAL B 122 -32.54 0.73 -5.48
C VAL B 122 -32.95 1.78 -6.52
N HIS B 123 -34.10 1.51 -7.15
CA HIS B 123 -34.75 2.36 -8.18
C HIS B 123 -35.37 3.58 -7.48
N THR B 124 -35.11 4.77 -7.98
CA THR B 124 -35.95 5.93 -7.63
C THR B 124 -37.35 5.65 -8.17
N LEU B 125 -38.34 6.39 -7.68
CA LEU B 125 -39.79 6.23 -8.00
C LEU B 125 -40.14 6.75 -9.40
N ASP B 126 -39.32 7.66 -9.95
CA ASP B 126 -39.41 8.10 -11.38
C ASP B 126 -38.80 7.03 -12.29
N GLY B 127 -38.10 6.03 -11.73
CA GLY B 127 -37.43 4.93 -12.43
C GLY B 127 -36.13 5.35 -13.11
N LYS B 128 -35.71 6.61 -12.96
CA LYS B 128 -34.67 7.29 -13.78
C LYS B 128 -33.28 7.28 -13.13
N GLU B 129 -33.17 7.01 -11.83
CA GLU B 129 -31.85 7.01 -11.11
C GLU B 129 -31.70 5.71 -10.31
N TYR B 130 -30.45 5.34 -10.07
CA TYR B 130 -30.04 4.27 -9.13
C TYR B 130 -29.45 5.00 -7.93
N ILE B 131 -29.74 4.51 -6.72
CA ILE B 131 -29.11 5.06 -5.49
C ILE B 131 -28.73 3.90 -4.57
N THR B 132 -27.53 4.01 -3.97
CA THR B 132 -26.93 3.07 -2.99
C THR B 132 -27.55 3.31 -1.62
N PRO B 133 -27.70 2.27 -0.77
CA PRO B 133 -28.26 2.45 0.58
C PRO B 133 -27.30 3.24 1.48
N ALA B 134 -26.03 3.27 1.10
CA ALA B 134 -25.00 4.13 1.71
C ALA B 134 -25.35 5.60 1.42
N GLN B 135 -25.72 5.88 0.18
CA GLN B 135 -26.05 7.24 -0.26
C GLN B 135 -27.40 7.67 0.31
N ILE B 136 -28.36 6.76 0.46
CA ILE B 136 -29.65 7.08 1.15
C ILE B 136 -29.37 7.58 2.58
N SER B 137 -28.58 6.86 3.38
CA SER B 137 -28.18 7.29 4.75
C SER B 137 -27.60 8.71 4.70
N LYS B 138 -26.67 8.97 3.79
CA LYS B 138 -26.03 10.29 3.56
C LYS B 138 -27.10 11.35 3.26
N GLU B 139 -28.07 11.06 2.39
CA GLU B 139 -29.09 12.06 1.98
C GLU B 139 -30.10 12.24 3.11
N MET B 140 -30.36 11.22 3.91
CA MET B 140 -31.16 11.34 5.16
C MET B 140 -30.43 12.32 6.10
N ARG B 141 -29.13 12.12 6.35
CA ARG B 141 -28.30 12.98 7.26
C ARG B 141 -28.32 14.42 6.75
N ASP B 142 -28.06 14.63 5.47
CA ASP B 142 -28.01 15.99 4.87
C ASP B 142 -29.36 16.69 5.10
N GLU B 143 -30.48 16.02 4.84
CA GLU B 143 -31.85 16.60 4.93
C GLU B 143 -32.30 16.76 6.38
N LEU B 144 -31.77 15.95 7.30
CA LEU B 144 -31.96 16.14 8.76
C LEU B 144 -31.31 17.46 9.20
N HIS B 145 -29.99 17.61 9.00
CA HIS B 145 -29.19 18.79 9.45
C HIS B 145 -29.75 20.04 8.75
N VAL B 146 -30.18 19.89 7.49
CA VAL B 146 -30.79 20.98 6.67
C VAL B 146 -32.11 21.39 7.31
N ARG B 147 -33.06 20.48 7.50
CA ARG B 147 -34.41 20.83 8.02
C ARG B 147 -34.42 21.08 9.55
N GLY B 148 -33.28 21.35 10.18
CA GLY B 148 -33.15 21.94 11.53
C GLY B 148 -32.78 20.95 12.62
N GLY B 149 -32.82 19.64 12.34
CA GLY B 149 -32.46 18.59 13.32
C GLY B 149 -33.66 17.75 13.79
N ARG B 150 -34.90 18.09 13.43
CA ARG B 150 -36.07 17.20 13.64
C ARG B 150 -36.86 17.08 12.34
N VAL B 151 -37.09 15.86 11.90
CA VAL B 151 -37.79 15.57 10.62
C VAL B 151 -38.49 14.21 10.72
N ASN B 152 -39.67 14.09 10.10
CA ASN B 152 -40.41 12.79 9.98
C ASN B 152 -39.74 11.91 8.93
N ILE B 153 -39.84 10.60 9.09
CA ILE B 153 -39.30 9.65 8.10
C ILE B 153 -40.08 9.81 6.78
N VAL B 154 -41.40 9.99 6.86
CA VAL B 154 -42.27 10.11 5.66
C VAL B 154 -41.89 11.37 4.84
N ASP B 155 -41.42 12.44 5.47
CA ASP B 155 -40.90 13.65 4.77
C ASP B 155 -39.61 13.32 4.02
N LEU B 156 -38.73 12.46 4.55
CA LEU B 156 -37.46 12.02 3.89
C LEU B 156 -37.76 11.17 2.66
N GLN B 157 -38.84 10.39 2.72
CA GLN B 157 -39.29 9.49 1.63
C GLN B 157 -39.52 10.30 0.35
N GLN B 158 -40.46 11.23 0.36
CA GLN B 158 -40.76 12.03 -0.85
C GLN B 158 -39.51 12.82 -1.27
N VAL B 159 -38.68 13.34 -0.36
CA VAL B 159 -37.46 14.15 -0.69
C VAL B 159 -36.45 13.29 -1.45
N ILE B 160 -36.18 12.07 -0.99
CA ILE B 160 -35.11 11.23 -1.58
C ILE B 160 -35.65 10.49 -2.80
N ASN B 161 -36.97 10.45 -2.98
CA ASN B 161 -37.65 9.96 -4.20
C ASN B 161 -37.45 8.45 -4.31
N VAL B 162 -37.64 7.73 -3.22
CA VAL B 162 -37.42 6.24 -3.16
C VAL B 162 -38.50 5.59 -2.28
N ASP B 163 -38.90 4.34 -2.51
CA ASP B 163 -39.95 3.69 -1.67
C ASP B 163 -39.51 3.73 -0.19
N LEU B 164 -40.50 3.74 0.71
CA LEU B 164 -40.38 3.96 2.18
C LEU B 164 -39.45 2.95 2.86
N ILE B 165 -39.61 1.67 2.54
CA ILE B 165 -38.84 0.57 3.18
C ILE B 165 -37.33 0.82 2.98
N HIS B 166 -36.92 1.51 1.93
CA HIS B 166 -35.49 1.78 1.62
C HIS B 166 -34.98 2.94 2.49
N ILE B 167 -35.86 3.69 3.15
CA ILE B 167 -35.47 4.67 4.21
C ILE B 167 -35.55 3.94 5.55
N GLU B 168 -36.63 3.19 5.78
CA GLU B 168 -36.87 2.48 7.06
C GLU B 168 -35.76 1.47 7.35
N ASN B 169 -35.04 1.04 6.33
CA ASN B 169 -33.99 -0.01 6.44
C ASN B 169 -32.68 0.63 6.89
N ARG B 170 -32.54 1.95 6.76
CA ARG B 170 -31.25 2.64 7.04
CA ARG B 170 -31.24 2.62 7.05
C ARG B 170 -31.22 3.25 8.44
N ILE B 171 -32.30 3.09 9.21
CA ILE B 171 -32.39 3.68 10.57
C ILE B 171 -31.37 3.04 11.54
N GLY B 172 -31.09 1.74 11.45
CA GLY B 172 -30.02 1.12 12.24
C GLY B 172 -28.69 1.81 11.98
N ASP B 173 -28.38 2.11 10.71
CA ASP B 173 -27.11 2.73 10.23
C ASP B 173 -26.96 4.14 10.82
N ILE B 174 -27.99 4.97 10.78
CA ILE B 174 -27.92 6.42 11.19
C ILE B 174 -27.76 6.57 12.70
N ILE B 175 -28.21 5.62 13.53
CA ILE B 175 -28.15 5.70 15.02
C ILE B 175 -26.86 5.07 15.56
N LYS B 176 -26.37 3.98 14.96
CA LYS B 176 -25.03 3.44 15.28
C LYS B 176 -23.95 4.48 14.91
N SER B 177 -23.96 4.99 13.67
CA SER B 177 -22.90 5.90 13.15
C SER B 177 -22.99 7.25 13.87
N GLU B 178 -24.16 7.88 13.93
CA GLU B 178 -24.35 9.22 14.54
C GLU B 178 -24.89 9.04 15.97
N LYS B 179 -24.03 9.02 16.99
CA LYS B 179 -24.41 8.76 18.40
C LYS B 179 -25.15 9.96 19.00
N HIS B 180 -25.15 11.09 18.30
CA HIS B 180 -25.85 12.36 18.66
C HIS B 180 -27.31 12.33 18.15
N VAL B 181 -27.72 11.31 17.38
CA VAL B 181 -29.03 11.29 16.64
C VAL B 181 -29.90 10.14 17.15
N GLN B 182 -31.21 10.37 17.26
CA GLN B 182 -32.15 9.48 17.96
C GLN B 182 -33.49 9.40 17.25
N LEU B 183 -34.14 8.24 17.33
CA LEU B 183 -35.46 7.93 16.74
C LEU B 183 -36.53 8.13 17.81
N VAL B 184 -37.53 8.97 17.54
CA VAL B 184 -38.70 9.15 18.43
C VAL B 184 -39.96 9.29 17.59
N LEU B 185 -40.98 8.50 17.88
CA LEU B 185 -42.32 8.62 17.25
C LEU B 185 -42.20 9.02 15.78
N GLY B 186 -41.53 8.20 14.96
CA GLY B 186 -41.56 8.33 13.49
C GLY B 186 -40.69 9.47 12.99
N GLN B 187 -39.82 9.99 13.85
CA GLN B 187 -38.97 11.18 13.54
C GLN B 187 -37.56 10.88 13.98
N LEU B 188 -36.61 11.54 13.33
CA LEU B 188 -35.17 11.59 13.71
C LEU B 188 -34.88 12.95 14.30
N ILE B 189 -34.19 12.98 15.44
CA ILE B 189 -33.97 14.20 16.26
C ILE B 189 -32.50 14.31 16.66
N ASP B 190 -31.97 15.51 16.51
CA ASP B 190 -30.54 15.86 16.47
C ASP B 190 -30.19 16.54 17.79
N GLU B 191 -28.98 16.28 18.29
CA GLU B 191 -28.37 16.93 19.48
C GLU B 191 -28.53 18.45 19.39
N ASN B 192 -28.39 18.99 18.17
CA ASN B 192 -28.37 20.45 17.88
C ASN B 192 -29.78 21.04 18.05
N TYR B 193 -30.80 20.27 17.70
CA TYR B 193 -32.20 20.69 17.92
C TYR B 193 -32.56 20.69 19.41
N LEU B 194 -32.15 19.66 20.16
CA LEU B 194 -32.47 19.54 21.61
C LEU B 194 -31.80 20.68 22.38
N ASP B 195 -30.56 21.05 22.03
CA ASP B 195 -29.86 22.25 22.54
C ASP B 195 -30.70 23.51 22.25
N ARG B 196 -31.18 23.70 21.02
CA ARG B 196 -32.01 24.88 20.68
CA ARG B 196 -32.02 24.88 20.67
C ARG B 196 -33.36 24.82 21.42
N LEU B 197 -33.91 23.61 21.63
CA LEU B 197 -35.19 23.47 22.36
C LEU B 197 -34.96 23.83 23.83
N ALA B 198 -33.82 23.42 24.39
CA ALA B 198 -33.47 23.70 25.79
C ALA B 198 -33.33 25.20 26.00
N GLU B 199 -32.70 25.91 25.06
CA GLU B 199 -32.57 27.39 25.09
C GLU B 199 -33.97 28.02 25.16
N GLU B 200 -34.91 27.62 24.32
CA GLU B 200 -36.27 28.25 24.28
C GLU B 200 -37.11 27.76 25.48
N VAL B 201 -36.73 26.67 26.14
CA VAL B 201 -37.37 26.25 27.43
C VAL B 201 -36.84 27.17 28.54
N ASN B 202 -35.52 27.35 28.63
CA ASN B 202 -34.86 28.24 29.62
C ASN B 202 -35.44 29.67 29.52
N ASP B 203 -35.73 30.17 28.30
CA ASP B 203 -36.36 31.50 28.06
C ASP B 203 -37.79 31.54 28.60
N LYS B 204 -38.54 30.45 28.48
CA LYS B 204 -39.96 30.33 28.91
C LYS B 204 -40.05 29.96 30.40
N LEU B 205 -38.95 29.45 30.94
CA LEU B 205 -38.78 29.20 32.39
C LEU B 205 -38.55 30.54 33.10
N GLN B 206 -37.50 31.27 32.69
CA GLN B 206 -37.02 32.51 33.34
C GLN B 206 -38.04 33.62 33.15
N GLU B 207 -39.00 33.47 32.23
CA GLU B 207 -40.19 34.35 32.12
C GLU B 207 -41.25 33.85 33.11
N SER B 208 -41.68 32.59 33.01
CA SER B 208 -42.89 32.10 33.70
C SER B 208 -42.57 31.69 35.14
N GLY B 209 -41.29 31.61 35.50
CA GLY B 209 -40.84 31.21 36.85
C GLY B 209 -40.83 29.70 37.01
N GLN B 210 -41.87 29.01 36.51
CA GLN B 210 -42.10 27.54 36.70
C GLN B 210 -42.71 26.95 35.42
N VAL B 211 -42.52 25.66 35.18
CA VAL B 211 -43.18 24.90 34.08
C VAL B 211 -43.14 23.39 34.37
N THR B 212 -44.22 22.68 34.02
CA THR B 212 -44.41 21.22 34.26
C THR B 212 -44.11 20.45 32.96
N ILE B 213 -43.68 19.20 33.10
CA ILE B 213 -43.26 18.33 31.98
C ILE B 213 -44.48 18.05 31.09
N SER B 214 -45.65 17.76 31.68
CA SER B 214 -46.89 17.47 30.93
C SER B 214 -47.27 18.66 30.04
N GLU B 215 -46.91 19.88 30.47
CA GLU B 215 -47.14 21.12 29.70
C GLU B 215 -46.11 21.25 28.56
N LEU B 216 -44.86 20.86 28.78
CA LEU B 216 -43.82 20.83 27.71
C LEU B 216 -44.12 19.72 26.69
N CYS B 217 -44.68 18.58 27.11
CA CYS B 217 -45.07 17.45 26.21
C CYS B 217 -46.19 17.87 25.25
N LYS B 218 -47.19 18.59 25.77
CA LYS B 218 -48.26 19.18 24.95
C LYS B 218 -47.67 20.28 24.04
N THR B 219 -46.66 21.02 24.51
CA THR B 219 -46.04 22.16 23.79
C THR B 219 -45.20 21.71 22.58
N TYR B 220 -44.46 20.60 22.67
CA TYR B 220 -43.49 20.19 21.62
C TYR B 220 -43.86 18.84 20.99
N ASP B 221 -44.97 18.24 21.46
CA ASP B 221 -45.49 16.94 20.95
C ASP B 221 -44.34 15.93 20.95
N LEU B 222 -43.92 15.54 22.16
CA LEU B 222 -42.86 14.55 22.44
C LEU B 222 -43.26 13.73 23.66
N PRO B 223 -42.79 12.48 23.82
CA PRO B 223 -43.16 11.66 24.97
C PRO B 223 -42.36 12.04 26.23
N GLY B 224 -42.99 11.76 27.38
CA GLY B 224 -42.56 12.22 28.71
C GLY B 224 -41.13 11.83 28.98
N ASN B 225 -40.88 10.53 29.00
CA ASN B 225 -39.58 9.92 29.42
C ASN B 225 -38.43 10.43 28.59
N PHE B 226 -38.63 10.52 27.28
CA PHE B 226 -37.63 11.06 26.32
C PHE B 226 -37.37 12.53 26.64
N LEU B 227 -38.43 13.34 26.69
CA LEU B 227 -38.30 14.81 26.86
C LEU B 227 -37.64 15.17 28.20
N THR B 228 -38.02 14.47 29.27
CA THR B 228 -37.41 14.62 30.62
C THR B 228 -35.90 14.37 30.59
N GLN B 229 -35.45 13.28 29.97
CA GLN B 229 -34.03 12.88 29.91
C GLN B 229 -33.22 13.85 29.03
N ALA B 230 -33.88 14.48 28.05
CA ALA B 230 -33.25 15.40 27.09
C ALA B 230 -33.03 16.74 27.76
N LEU B 231 -33.98 17.16 28.59
CA LEU B 231 -33.98 18.47 29.30
C LEU B 231 -33.13 18.40 30.57
N THR B 232 -33.32 17.35 31.38
CA THR B 232 -32.56 17.11 32.64
C THR B 232 -31.07 16.93 32.31
N GLN B 233 -30.72 16.42 31.13
CA GLN B 233 -29.34 16.27 30.63
C GLN B 233 -28.72 17.66 30.38
N ARG B 234 -29.54 18.68 30.11
CA ARG B 234 -29.11 20.05 29.70
C ARG B 234 -29.30 21.08 30.81
N LEU B 235 -29.73 20.61 31.99
CA LEU B 235 -29.88 21.41 33.23
C LEU B 235 -28.51 21.87 33.74
N GLY B 236 -28.34 23.17 33.97
CA GLY B 236 -27.07 23.75 34.44
C GLY B 236 -26.26 24.34 33.30
N ARG B 237 -25.98 23.54 32.27
CA ARG B 237 -25.16 23.98 31.12
C ARG B 237 -25.97 24.87 30.17
N ILE B 238 -27.29 24.70 30.10
CA ILE B 238 -28.14 25.51 29.18
C ILE B 238 -29.38 26.00 29.92
N ILE B 239 -29.93 25.20 30.83
CA ILE B 239 -31.15 25.63 31.60
C ILE B 239 -30.69 26.01 33.01
N SER B 240 -31.02 27.24 33.45
CA SER B 240 -30.73 27.79 34.81
C SER B 240 -31.94 27.54 35.71
N GLY B 241 -32.22 26.26 35.94
CA GLY B 241 -33.38 25.80 36.73
C GLY B 241 -33.00 24.76 37.78
N HIS B 242 -34.02 24.38 38.57
CA HIS B 242 -34.00 23.29 39.59
C HIS B 242 -35.33 22.52 39.53
N ILE B 243 -35.38 21.31 40.08
CA ILE B 243 -36.43 20.32 39.73
C ILE B 243 -37.00 19.67 40.98
N ASP B 244 -38.23 19.18 40.86
CA ASP B 244 -38.98 18.65 42.01
C ASP B 244 -40.16 17.82 41.48
N LEU B 245 -40.91 17.15 42.36
CA LEU B 245 -42.05 16.28 41.99
C LEU B 245 -43.34 16.78 42.62
N ASP B 246 -44.40 16.93 41.83
CA ASP B 246 -45.77 17.19 42.33
C ASP B 246 -46.64 16.03 41.84
N ASN B 247 -47.70 16.31 41.09
CA ASN B 247 -48.44 15.27 40.35
C ASN B 247 -47.50 14.65 39.31
N ARG B 248 -46.61 15.47 38.71
CA ARG B 248 -45.62 15.06 37.66
C ARG B 248 -44.27 15.76 37.93
N GLY B 249 -43.17 15.33 37.27
CA GLY B 249 -41.83 15.94 37.33
C GLY B 249 -41.88 17.38 36.83
N VAL B 250 -41.49 18.37 37.66
CA VAL B 250 -41.74 19.84 37.48
C VAL B 250 -40.42 20.63 37.58
N ILE B 251 -40.29 21.77 36.90
CA ILE B 251 -39.02 22.54 36.74
C ILE B 251 -39.27 24.03 37.08
N PHE B 252 -38.41 24.67 37.91
CA PHE B 252 -38.40 26.15 38.14
C PHE B 252 -37.03 26.80 38.10
N THR B 253 -37.05 28.13 38.20
CA THR B 253 -35.84 29.00 38.15
C THR B 253 -35.05 28.72 39.43
N GLU B 254 -33.73 28.64 39.36
CA GLU B 254 -32.87 28.40 40.55
C GLU B 254 -32.95 29.62 41.49
N ALA B 255 -33.38 29.44 42.75
CA ALA B 255 -33.52 30.54 43.75
C ALA B 255 -32.33 30.50 44.72
CL CL C . 34.84 1.33 -1.51
CL CL D . -32.83 -3.01 0.24
#